data_5E3D
#
_entry.id   5E3D
#
_cell.length_a   60.730
_cell.length_b   60.730
_cell.length_c   62.430
_cell.angle_alpha   90.00
_cell.angle_beta   90.00
_cell.angle_gamma   120.00
#
_symmetry.space_group_name_H-M   'P 32 2 1'
#
loop_
_entity.id
_entity.type
_entity.pdbx_description
1 polymer Peregrin
2 non-polymer 2,8-dithioxo-1,2,3,7,8,9-hexahydro-6H-purin-6-one
3 non-polymer 'NITRATE ION'
4 water water
#
_entity_poly.entity_id   1
_entity_poly.type   'polypeptide(L)'
_entity_poly.pdbx_seq_one_letter_code
;SMEMQLTPFLILLRKTLEQLQEKDTGNIFSEPVPLSEVPDYLDHIKKPMDFFTMKQNLEAYRYLNFDDFEEDFNLIVSNC
LKYNAKDTIFYRAAVRLREQGGAVLRQARRQAEKMG
;
_entity_poly.pdbx_strand_id   A
#
# COMPACT_ATOMS: atom_id res chain seq x y z
N MET A 4 4.53 15.77 -17.66
CA MET A 4 3.15 15.33 -17.78
C MET A 4 2.19 16.19 -16.96
N GLN A 5 0.90 15.99 -17.20
CA GLN A 5 -0.18 16.74 -16.55
C GLN A 5 -0.60 16.03 -15.27
N LEU A 6 -0.96 16.82 -14.24
CA LEU A 6 -1.16 16.29 -12.90
C LEU A 6 -2.47 15.51 -12.79
N THR A 7 -3.56 16.06 -13.32
CA THR A 7 -4.87 15.45 -13.12
C THR A 7 -4.94 14.02 -13.64
N PRO A 8 -4.50 13.69 -14.87
CA PRO A 8 -4.56 12.29 -15.31
C PRO A 8 -3.67 11.37 -14.50
N PHE A 9 -2.52 11.86 -14.05
CA PHE A 9 -1.66 11.06 -13.20
C PHE A 9 -2.35 10.70 -11.89
N LEU A 10 -3.06 11.64 -11.29
CA LEU A 10 -3.75 11.32 -10.04
C LEU A 10 -4.92 10.38 -10.29
N ILE A 11 -5.62 10.57 -11.41
CA ILE A 11 -6.70 9.63 -11.73
C ILE A 11 -6.14 8.22 -11.90
N LEU A 12 -4.90 8.11 -12.42
CA LEU A 12 -4.28 6.79 -12.55
C LEU A 12 -3.89 6.22 -11.19
N LEU A 13 -3.34 7.04 -10.30
CA LEU A 13 -3.03 6.52 -8.96
C LEU A 13 -4.28 6.12 -8.21
N ARG A 14 -5.39 6.85 -8.39
CA ARG A 14 -6.63 6.46 -7.73
C ARG A 14 -7.07 5.08 -8.18
N LYS A 15 -7.08 4.86 -9.49
CA LYS A 15 -7.44 3.56 -10.04
C LYS A 15 -6.50 2.46 -9.57
N THR A 16 -5.20 2.75 -9.56
CA THR A 16 -4.22 1.77 -9.12
C THR A 16 -4.42 1.40 -7.65
N LEU A 17 -4.67 2.40 -6.81
CA LEU A 17 -4.91 2.13 -5.39
C LEU A 17 -6.16 1.27 -5.22
N GLU A 18 -7.19 1.55 -6.01
CA GLU A 18 -8.40 0.71 -5.96
C GLU A 18 -8.06 -0.73 -6.35
N GLN A 19 -7.20 -0.91 -7.36
CA GLN A 19 -6.86 -2.26 -7.80
C GLN A 19 -6.05 -3.00 -6.75
N LEU A 20 -5.16 -2.27 -6.07
CA LEU A 20 -4.40 -2.87 -4.99
C LEU A 20 -5.31 -3.26 -3.83
N GLN A 21 -6.25 -2.38 -3.45
CA GLN A 21 -7.19 -2.74 -2.40
C GLN A 21 -8.01 -3.96 -2.77
N GLU A 22 -8.32 -4.12 -4.07
CA GLU A 22 -9.10 -5.29 -4.50
C GLU A 22 -8.35 -6.60 -4.26
N LYS A 23 -7.02 -6.55 -4.31
CA LYS A 23 -6.23 -7.76 -4.05
C LYS A 23 -6.22 -8.12 -2.59
N ASP A 24 -6.50 -7.15 -1.71
CA ASP A 24 -6.54 -7.36 -0.27
C ASP A 24 -7.99 -7.73 0.06
N THR A 25 -8.32 -8.98 -0.23
CA THR A 25 -9.72 -9.40 -0.14
C THR A 25 -10.18 -9.48 1.30
N GLY A 26 -9.28 -9.82 2.21
CA GLY A 26 -9.59 -9.77 3.63
C GLY A 26 -9.72 -8.36 4.18
N ASN A 27 -9.37 -7.35 3.38
CA ASN A 27 -9.34 -5.95 3.82
C ASN A 27 -8.54 -5.80 5.12
N ILE A 28 -7.45 -6.56 5.25
CA ILE A 28 -6.65 -6.49 6.46
C ILE A 28 -5.62 -5.40 6.41
N PHE A 29 -5.50 -4.71 5.27
CA PHE A 29 -4.59 -3.58 5.11
C PHE A 29 -5.35 -2.29 4.81
N SER A 30 -6.67 -2.29 4.98
CA SER A 30 -7.46 -1.14 4.58
CA SER A 30 -7.50 -1.15 4.60
C SER A 30 -7.34 0.03 5.55
N GLU A 31 -6.99 -0.22 6.81
CA GLU A 31 -6.94 0.81 7.83
C GLU A 31 -5.68 0.63 8.66
N PRO A 32 -5.25 1.66 9.39
CA PRO A 32 -4.06 1.51 10.23
C PRO A 32 -4.19 0.35 11.21
N VAL A 33 -3.06 -0.26 11.53
CA VAL A 33 -3.02 -1.34 12.52
C VAL A 33 -3.46 -0.77 13.86
N PRO A 34 -4.53 -1.30 14.47
CA PRO A 34 -5.03 -0.70 15.73
C PRO A 34 -4.09 -0.89 16.90
N LEU A 35 -3.35 0.17 17.24
CA LEU A 35 -2.39 0.10 18.34
C LEU A 35 -3.05 -0.27 19.66
N SER A 36 -4.35 -0.01 19.80
CA SER A 36 -5.07 -0.41 21.00
C SER A 36 -5.20 -1.92 21.12
N GLU A 37 -5.14 -2.65 20.00
CA GLU A 37 -5.15 -4.10 20.01
C GLU A 37 -3.77 -4.70 19.81
N VAL A 38 -2.84 -3.94 19.25
CA VAL A 38 -1.47 -4.38 19.05
C VAL A 38 -0.55 -3.37 19.75
N PRO A 39 -0.50 -3.36 21.08
CA PRO A 39 0.19 -2.26 21.78
C PRO A 39 1.70 -2.23 21.59
N ASP A 40 2.31 -3.27 21.02
CA ASP A 40 3.75 -3.29 20.80
C ASP A 40 4.12 -3.00 19.35
N TYR A 41 3.15 -2.60 18.53
CA TYR A 41 3.39 -2.50 17.09
C TYR A 41 4.47 -1.48 16.76
N LEU A 42 4.44 -0.32 17.41
CA LEU A 42 5.37 0.74 17.08
C LEU A 42 6.76 0.51 17.66
N ASP A 43 7.02 -0.63 18.30
CA ASP A 43 8.34 -0.87 18.88
C ASP A 43 9.40 -1.00 17.78
N HIS A 44 9.08 -1.70 16.69
CA HIS A 44 10.01 -1.87 15.58
C HIS A 44 9.45 -1.48 14.23
N ILE A 45 8.20 -0.99 14.17
CA ILE A 45 7.62 -0.44 12.95
C ILE A 45 7.74 1.08 13.06
N LYS A 46 8.65 1.66 12.29
CA LYS A 46 8.92 3.09 12.40
C LYS A 46 8.01 3.95 11.55
N LYS A 47 7.34 3.38 10.54
CA LYS A 47 6.37 4.12 9.74
C LYS A 47 5.24 3.18 9.35
N PRO A 48 4.17 3.15 10.13
CA PRO A 48 2.99 2.38 9.72
C PRO A 48 2.43 2.93 8.43
N MET A 49 1.73 2.06 7.71
CA MET A 49 1.09 2.48 6.46
C MET A 49 -0.06 1.53 6.18
N ASP A 50 -1.05 2.05 5.45
CA ASP A 50 -2.26 1.31 5.10
C ASP A 50 -2.90 2.00 3.91
N PHE A 51 -3.92 1.36 3.35
CA PHE A 51 -4.54 1.89 2.13
C PHE A 51 -5.32 3.17 2.41
N PHE A 52 -6.00 3.25 3.56
CA PHE A 52 -6.73 4.46 3.88
C PHE A 52 -5.81 5.67 3.92
N THR A 53 -4.67 5.54 4.62
CA THR A 53 -3.73 6.65 4.67
C THR A 53 -3.14 6.92 3.29
N MET A 54 -2.87 5.88 2.50
CA MET A 54 -2.40 6.10 1.14
C MET A 54 -3.38 6.98 0.36
N LYS A 55 -4.68 6.75 0.56
CA LYS A 55 -5.69 7.57 -0.10
C LYS A 55 -5.61 9.01 0.39
N GLN A 56 -5.42 9.20 1.70
N GLN A 56 -5.43 9.21 1.70
CA GLN A 56 -5.29 10.56 2.22
CA GLN A 56 -5.29 10.56 2.24
C GLN A 56 -4.05 11.25 1.67
C GLN A 56 -4.05 11.24 1.66
N ASN A 57 -2.94 10.52 1.58
CA ASN A 57 -1.71 11.08 1.03
C ASN A 57 -1.87 11.40 -0.46
N LEU A 58 -2.51 10.50 -1.21
CA LEU A 58 -2.79 10.77 -2.62
C LEU A 58 -3.52 12.10 -2.79
N GLU A 59 -4.62 12.29 -2.07
CA GLU A 59 -5.45 13.48 -2.24
C GLU A 59 -4.80 14.72 -1.65
N ALA A 60 -3.84 14.56 -0.74
CA ALA A 60 -3.03 15.68 -0.26
C ALA A 60 -1.89 16.01 -1.19
N TYR A 61 -1.87 15.42 -2.39
CA TYR A 61 -0.85 15.66 -3.41
C TYR A 61 0.54 15.24 -2.91
N ARG A 62 0.58 14.23 -2.05
CA ARG A 62 1.86 13.74 -1.53
C ARG A 62 2.53 12.73 -2.43
N TYR A 63 1.85 12.24 -3.47
CA TYR A 63 2.41 11.30 -4.44
C TYR A 63 2.43 12.00 -5.79
N LEU A 64 3.60 12.53 -6.19
CA LEU A 64 3.72 13.23 -7.45
C LEU A 64 4.52 12.42 -8.47
N ASN A 65 4.97 11.23 -8.10
CA ASN A 65 5.63 10.32 -9.03
C ASN A 65 5.29 8.90 -8.61
N PHE A 66 5.53 7.96 -9.50
CA PHE A 66 5.08 6.60 -9.19
C PHE A 66 5.89 6.01 -8.04
N ASP A 67 7.15 6.43 -7.88
CA ASP A 67 7.99 5.84 -6.84
C ASP A 67 7.47 6.14 -5.45
N ASP A 68 7.00 7.36 -5.20
CA ASP A 68 6.56 7.65 -3.84
C ASP A 68 5.28 6.92 -3.49
N PHE A 69 4.42 6.72 -4.48
CA PHE A 69 3.23 5.90 -4.29
C PHE A 69 3.61 4.45 -4.00
N GLU A 70 4.46 3.87 -4.85
CA GLU A 70 4.88 2.47 -4.69
C GLU A 70 5.65 2.27 -3.39
N GLU A 71 6.43 3.26 -2.95
CA GLU A 71 7.15 3.14 -1.70
C GLU A 71 6.22 2.90 -0.52
N ASP A 72 5.09 3.62 -0.47
CA ASP A 72 4.17 3.45 0.65
C ASP A 72 3.42 2.13 0.55
N PHE A 73 3.08 1.69 -0.66
CA PHE A 73 2.52 0.35 -0.81
C PHE A 73 3.50 -0.69 -0.30
N ASN A 74 4.78 -0.56 -0.68
CA ASN A 74 5.78 -1.51 -0.21
C ASN A 74 5.88 -1.52 1.31
N LEU A 75 5.61 -0.38 1.96
CA LEU A 75 5.64 -0.32 3.42
C LEU A 75 4.52 -1.15 4.02
N ILE A 76 3.33 -1.10 3.41
CA ILE A 76 2.23 -1.94 3.85
C ILE A 76 2.69 -3.39 3.92
N VAL A 77 3.39 -3.83 2.86
CA VAL A 77 3.84 -5.21 2.79
C VAL A 77 4.98 -5.47 3.79
N SER A 78 6.01 -4.61 3.77
CA SER A 78 7.20 -4.91 4.58
CA SER A 78 7.20 -4.88 4.58
C SER A 78 6.90 -4.81 6.08
N ASN A 79 6.05 -3.87 6.49
CA ASN A 79 5.71 -3.76 7.91
C ASN A 79 5.07 -5.03 8.39
N CYS A 80 4.18 -5.59 7.59
CA CYS A 80 3.46 -6.80 7.95
C CYS A 80 4.41 -8.00 8.01
N LEU A 81 5.30 -8.12 7.03
CA LEU A 81 6.29 -9.19 7.07
C LEU A 81 7.17 -9.06 8.32
N LYS A 82 7.53 -7.82 8.67
CA LYS A 82 8.41 -7.62 9.82
C LYS A 82 7.70 -7.99 11.13
N TYR A 83 6.46 -7.54 11.30
CA TYR A 83 5.83 -7.68 12.61
C TYR A 83 5.37 -9.09 12.91
N ASN A 84 4.93 -9.84 11.91
CA ASN A 84 4.20 -11.08 12.13
C ASN A 84 5.08 -12.29 11.85
N ALA A 85 4.87 -13.34 12.64
CA ALA A 85 5.61 -14.57 12.42
C ALA A 85 5.23 -15.17 11.06
N LYS A 86 6.14 -15.98 10.53
CA LYS A 86 5.96 -16.49 9.18
C LYS A 86 4.75 -17.41 9.08
N ASP A 87 4.39 -18.09 10.16
CA ASP A 87 3.33 -19.09 10.11
C ASP A 87 1.94 -18.50 10.35
N THR A 88 1.77 -17.19 10.18
CA THR A 88 0.50 -16.54 10.45
C THR A 88 -0.22 -16.19 9.17
N ILE A 89 -1.53 -16.00 9.28
CA ILE A 89 -2.31 -15.51 8.15
C ILE A 89 -1.82 -14.12 7.72
N PHE A 90 -1.55 -13.23 8.68
CA PHE A 90 -1.06 -11.90 8.34
C PHE A 90 0.14 -11.97 7.43
N TYR A 91 1.14 -12.80 7.79
CA TYR A 91 2.36 -12.83 7.01
C TYR A 91 2.09 -13.34 5.59
N ARG A 92 1.33 -14.44 5.48
CA ARG A 92 1.05 -14.98 4.16
C ARG A 92 0.23 -14.00 3.33
N ALA A 93 -0.66 -13.23 3.96
CA ALA A 93 -1.42 -12.23 3.23
C ALA A 93 -0.52 -11.15 2.65
N ALA A 94 0.51 -10.73 3.39
CA ALA A 94 1.43 -9.73 2.87
C ALA A 94 2.25 -10.30 1.71
N VAL A 95 2.64 -11.57 1.80
CA VAL A 95 3.35 -12.19 0.68
C VAL A 95 2.48 -12.20 -0.56
N ARG A 96 1.20 -12.56 -0.39
CA ARG A 96 0.29 -12.61 -1.52
C ARG A 96 0.04 -11.22 -2.08
N LEU A 97 -0.09 -10.23 -1.20
CA LEU A 97 -0.28 -8.87 -1.66
C LEU A 97 0.94 -8.37 -2.43
N ARG A 98 2.13 -8.69 -1.92
CA ARG A 98 3.34 -8.34 -2.65
C ARG A 98 3.33 -8.94 -4.05
N GLU A 99 2.93 -10.22 -4.16
CA GLU A 99 2.93 -10.90 -5.45
C GLU A 99 1.89 -10.31 -6.37
N GLN A 100 0.64 -10.23 -5.90
CA GLN A 100 -0.44 -9.76 -6.77
C GLN A 100 -0.35 -8.26 -7.00
N GLY A 101 0.09 -7.50 -6.01
CA GLY A 101 0.30 -6.06 -6.19
C GLY A 101 1.39 -5.73 -7.17
N GLY A 102 2.41 -6.61 -7.29
CA GLY A 102 3.52 -6.32 -8.19
C GLY A 102 3.09 -6.20 -9.63
N ALA A 103 2.22 -7.10 -10.07
CA ALA A 103 1.72 -7.01 -11.44
C ALA A 103 0.89 -5.76 -11.63
N VAL A 104 0.06 -5.41 -10.64
CA VAL A 104 -0.79 -4.22 -10.74
C VAL A 104 0.07 -2.97 -10.89
N LEU A 105 1.16 -2.89 -10.13
CA LEU A 105 2.02 -1.71 -10.15
C LEU A 105 2.79 -1.61 -11.45
N ARG A 106 3.26 -2.75 -11.97
CA ARG A 106 3.99 -2.75 -13.24
C ARG A 106 3.15 -2.19 -14.36
N GLN A 107 1.91 -2.66 -14.47
CA GLN A 107 1.04 -2.18 -15.53
C GLN A 107 0.71 -0.70 -15.34
N ALA A 108 0.46 -0.29 -14.10
CA ALA A 108 0.17 1.12 -13.85
C ALA A 108 1.35 2.01 -14.19
N ARG A 109 2.57 1.55 -13.91
CA ARG A 109 3.74 2.37 -14.22
C ARG A 109 3.93 2.49 -15.72
N ARG A 110 3.63 1.42 -16.47
CA ARG A 110 3.67 1.51 -17.93
C ARG A 110 2.70 2.57 -18.44
N GLN A 111 1.48 2.60 -17.88
CA GLN A 111 0.52 3.64 -18.25
C GLN A 111 1.05 5.03 -17.94
N ALA A 112 1.72 5.18 -16.81
CA ALA A 112 2.25 6.48 -16.42
C ALA A 112 3.37 6.93 -17.34
N GLU A 113 4.26 6.00 -17.73
CA GLU A 113 5.40 6.35 -18.56
C GLU A 113 4.99 6.78 -19.97
N LYS A 114 3.79 6.38 -20.41
CA LYS A 114 3.26 6.89 -21.67
C LYS A 114 2.85 8.35 -21.58
N MET A 115 2.57 8.85 -20.38
CA MET A 115 2.18 10.24 -20.19
C MET A 115 3.36 11.17 -20.38
#